data_6VQS
#
_entry.id   6VQS
#
_cell.length_a   46.158
_cell.length_b   46.158
_cell.length_c   138.373
_cell.angle_alpha   90.00
_cell.angle_beta   90.00
_cell.angle_gamma   90.00
#
_symmetry.space_group_name_H-M   'P 43 21 2'
#
loop_
_entity.id
_entity.type
_entity.pdbx_description
1 polymer Integrase
2 non-polymer 'SULFATE ION'
3 non-polymer 'IODIDE ION'
4 non-polymer '[5-(3-fluorophenyl)-1-benzofuran-3-yl]acetic acid'
5 water water
#
_entity_poly.entity_id   1
_entity_poly.type   'polypeptide(L)'
_entity_poly.pdbx_seq_one_letter_code
;MHGEVDSSPGIWQLDCTHLEGKVILVAVHVASGYIEAEVIPAETGQETAYFLLKLAGRWPVKTVHTDNGSNFTSTTVKAA
CEWAGIKQEFGIPYNPQSQGVIESMNKELKKIIGQVRDQAEHLKTAVQMAVFIHNKKRKGGIGGYSAGERIVDIIATDIE
TKE
;
_entity_poly.pdbx_strand_id   A
#
loop_
_chem_comp.id
_chem_comp.type
_chem_comp.name
_chem_comp.formula
IOD non-polymer 'IODIDE ION' 'I -1'
R7J non-polymer '[5-(3-fluorophenyl)-1-benzofuran-3-yl]acetic acid' 'C16 H11 F O3'
SO4 non-polymer 'SULFATE ION' 'O4 S -2'
#
# COMPACT_ATOMS: atom_id res chain seq x y z
N SER A 8 0.57 12.85 -10.03
CA SER A 8 1.00 12.14 -11.25
C SER A 8 0.46 10.72 -11.23
N PRO A 9 0.69 9.95 -12.32
CA PRO A 9 0.03 8.63 -12.43
C PRO A 9 0.73 7.57 -11.59
N GLY A 10 2.05 7.69 -11.43
CA GLY A 10 2.86 6.66 -10.83
C GLY A 10 3.45 7.05 -9.49
N ILE A 11 2.82 8.01 -8.82
CA ILE A 11 3.24 8.47 -7.50
C ILE A 11 2.58 7.59 -6.42
N TRP A 12 3.37 7.18 -5.47
CA TRP A 12 2.93 6.31 -4.40
C TRP A 12 3.55 6.78 -3.09
N GLN A 13 2.88 6.45 -2.03
CA GLN A 13 3.27 6.76 -0.68
C GLN A 13 3.28 5.42 0.02
N LEU A 14 4.33 5.18 0.77
CA LEU A 14 4.58 3.93 1.45
C LEU A 14 4.62 4.25 2.94
N ASP A 15 3.95 3.39 3.74
CA ASP A 15 3.75 3.62 5.16
C ASP A 15 3.76 2.30 5.91
N CYS A 16 4.04 2.41 7.22
CA CYS A 16 3.92 1.36 8.21
C CYS A 16 2.67 1.60 9.05
N THR A 17 2.00 0.52 9.44
CA THR A 17 1.08 0.56 10.57
C THR A 17 1.19 -0.79 11.27
N HIS A 18 0.69 -0.84 12.51
CA HIS A 18 0.98 -1.94 13.42
C HIS A 18 -0.30 -2.40 14.11
N LEU A 19 -0.40 -3.70 14.35
CA LEU A 19 -1.61 -4.29 14.91
C LEU A 19 -1.35 -5.75 15.24
N GLU A 20 -1.89 -6.19 16.39
CA GLU A 20 -1.63 -7.53 16.94
C GLU A 20 -0.17 -7.90 16.92
N GLY A 21 0.68 -6.89 17.14
CA GLY A 21 2.11 -7.07 17.13
C GLY A 21 2.73 -7.46 15.81
N LYS A 22 2.06 -7.20 14.69
CA LYS A 22 2.63 -7.41 13.36
C LYS A 22 2.66 -6.09 12.61
N VAL A 23 3.41 -6.08 11.53
CA VAL A 23 3.60 -4.88 10.74
C VAL A 23 2.71 -5.00 9.53
N ILE A 24 1.94 -3.94 9.25
CA ILE A 24 1.16 -3.80 8.03
C ILE A 24 1.82 -2.76 7.14
N LEU A 25 2.30 -3.21 6.00
CA LEU A 25 2.85 -2.34 4.98
C LEU A 25 1.73 -1.85 4.11
N VAL A 26 1.69 -0.54 3.88
CA VAL A 26 0.65 0.10 3.07
C VAL A 26 1.25 0.98 1.99
N ALA A 27 0.88 0.73 0.75
CA ALA A 27 1.19 1.65 -0.34
C ALA A 27 -0.09 2.36 -0.79
N VAL A 28 0.00 3.67 -0.92
CA VAL A 28 -1.12 4.49 -1.37
C VAL A 28 -0.79 5.12 -2.71
N HIS A 29 -1.68 4.95 -3.68
CA HIS A 29 -1.56 5.71 -4.91
C HIS A 29 -2.18 7.08 -4.64
N VAL A 30 -1.33 8.11 -4.58
CA VAL A 30 -1.73 9.38 -3.99
C VAL A 30 -2.87 10.01 -4.77
N ALA A 31 -2.82 9.94 -6.10
CA ALA A 31 -3.82 10.68 -6.87
C ALA A 31 -5.21 10.04 -6.74
N SER A 32 -5.27 8.73 -6.51
CA SER A 32 -6.52 7.98 -6.55
C SER A 32 -7.04 7.56 -5.17
N GLY A 33 -6.16 7.32 -4.21
CA GLY A 33 -6.59 6.77 -2.96
C GLY A 33 -6.58 5.25 -2.92
N TYR A 34 -6.13 4.59 -3.96
CA TYR A 34 -6.10 3.14 -3.99
C TYR A 34 -4.99 2.61 -3.10
N ILE A 35 -5.29 1.53 -2.38
CA ILE A 35 -4.27 0.97 -1.51
C ILE A 35 -4.04 -0.50 -1.75
N GLU A 36 -2.81 -0.91 -1.43
CA GLU A 36 -2.36 -2.27 -1.35
C GLU A 36 -1.65 -2.41 0.00
N ALA A 37 -1.82 -3.56 0.61
CA ALA A 37 -1.31 -3.74 1.95
C ALA A 37 -0.86 -5.18 2.06
N GLU A 38 0.14 -5.38 2.88
CA GLU A 38 0.61 -6.73 3.17
C GLU A 38 1.04 -6.77 4.62
N VAL A 39 0.76 -7.89 5.26
CA VAL A 39 1.20 -8.12 6.61
C VAL A 39 2.48 -8.94 6.56
N ILE A 40 3.49 -8.52 7.27
CA ILE A 40 4.73 -9.28 7.37
C ILE A 40 5.02 -9.63 8.81
N PRO A 41 5.43 -10.84 9.05
CA PRO A 41 6.19 -11.17 10.27
C PRO A 41 7.08 -10.03 10.78
N ALA A 42 8.19 -9.75 10.08
CA ALA A 42 9.10 -8.73 10.56
C ALA A 42 9.26 -7.62 9.52
N GLU A 43 9.65 -6.45 10.02
CA GLU A 43 9.72 -5.21 9.25
C GLU A 43 10.98 -5.11 8.36
N THR A 44 11.67 -6.21 8.12
CA THR A 44 12.86 -6.21 7.27
C THR A 44 12.67 -5.45 5.96
N GLY A 45 13.80 -5.04 5.36
CA GLY A 45 13.77 -4.41 4.05
C GLY A 45 13.57 -5.41 2.95
N GLN A 46 13.99 -6.65 3.19
CA GLN A 46 13.73 -7.76 2.28
C GLN A 46 12.23 -7.93 1.97
N GLU A 47 11.39 -7.91 3.01
CA GLU A 47 9.95 -7.99 2.79
C GLU A 47 9.41 -6.74 2.10
N THR A 48 9.94 -5.57 2.47
CA THR A 48 9.55 -4.32 1.84
C THR A 48 9.87 -4.36 0.37
N ALA A 49 11.02 -4.95 0.03
CA ALA A 49 11.51 -4.95 -1.34
C ALA A 49 10.68 -5.88 -2.21
N TYR A 50 10.19 -6.97 -1.63
CA TYR A 50 9.36 -7.89 -2.39
C TYR A 50 7.98 -7.29 -2.65
N PHE A 51 7.44 -6.59 -1.65
CA PHE A 51 6.17 -5.87 -1.80
C PHE A 51 6.27 -4.75 -2.84
N LEU A 52 7.40 -4.04 -2.90
CA LEU A 52 7.54 -3.04 -3.96
C LEU A 52 7.60 -3.69 -5.33
N LEU A 53 8.37 -4.77 -5.44
CA LEU A 53 8.50 -5.52 -6.67
C LEU A 53 7.16 -6.02 -7.17
N LYS A 54 6.29 -6.49 -6.26
CA LYS A 54 4.98 -6.97 -6.67
C LYS A 54 4.15 -5.80 -7.16
N LEU A 55 4.18 -4.72 -6.38
CA LEU A 55 3.43 -3.51 -6.70
C LEU A 55 3.79 -2.97 -8.08
N ALA A 56 5.08 -2.90 -8.36
CA ALA A 56 5.57 -2.31 -9.58
C ALA A 56 5.24 -3.18 -10.79
N GLY A 57 5.13 -4.49 -10.60
CA GLY A 57 4.68 -5.38 -11.66
C GLY A 57 3.19 -5.35 -11.93
N ARG A 58 2.39 -4.79 -11.00
CA ARG A 58 0.94 -4.67 -11.13
C ARG A 58 0.48 -3.28 -11.58
N TRP A 59 1.31 -2.26 -11.40
CA TRP A 59 0.92 -0.88 -11.64
C TRP A 59 2.13 -0.12 -12.13
N PRO A 60 1.94 1.08 -12.65
CA PRO A 60 3.06 2.01 -12.88
C PRO A 60 3.53 2.59 -11.55
N VAL A 61 4.78 2.30 -11.20
CA VAL A 61 5.37 2.74 -9.95
C VAL A 61 6.66 3.45 -10.34
N LYS A 62 6.59 4.77 -10.43
CA LYS A 62 7.70 5.63 -10.76
C LYS A 62 8.35 6.23 -9.50
N THR A 63 7.54 6.73 -8.55
CA THR A 63 8.04 7.42 -7.37
C THR A 63 7.32 6.92 -6.14
N VAL A 64 8.11 6.50 -5.14
CA VAL A 64 7.61 6.08 -3.85
C VAL A 64 8.13 7.05 -2.78
N HIS A 65 7.22 7.69 -2.07
CA HIS A 65 7.54 8.55 -0.96
C HIS A 65 7.46 7.79 0.34
N THR A 66 8.42 8.05 1.22
N THR A 66 8.44 8.02 1.21
CA THR A 66 8.40 7.49 2.55
CA THR A 66 8.38 7.51 2.56
C THR A 66 8.67 8.59 3.57
C THR A 66 8.60 8.64 3.55
N ASP A 67 8.02 8.47 4.72
CA ASP A 67 8.14 9.41 5.84
C ASP A 67 9.39 9.21 6.70
N ASN A 68 10.07 8.11 6.54
CA ASN A 68 11.10 7.79 7.52
C ASN A 68 12.41 7.51 6.80
N GLY A 69 13.42 7.05 7.54
CA GLY A 69 14.69 6.69 6.96
C GLY A 69 14.89 5.20 6.77
N SER A 70 13.97 4.38 7.30
CA SER A 70 14.24 2.93 7.30
C SER A 70 14.39 2.37 5.90
N ASN A 71 13.66 2.92 4.93
CA ASN A 71 13.76 2.41 3.59
C ASN A 71 15.06 2.77 2.89
N PHE A 72 15.76 3.82 3.33
CA PHE A 72 17.01 4.23 2.68
C PHE A 72 18.23 3.44 3.15
N THR A 73 18.07 2.46 4.03
CA THR A 73 19.21 1.75 4.59
C THR A 73 19.13 0.27 4.32
N SER A 74 18.29 -0.13 3.40
CA SER A 74 18.11 -1.52 3.06
C SER A 74 18.65 -1.73 1.66
N THR A 75 19.65 -2.58 1.55
CA THR A 75 20.29 -2.79 0.26
C THR A 75 19.37 -3.52 -0.70
N THR A 76 18.58 -4.46 -0.20
CA THR A 76 17.61 -5.15 -1.05
C THR A 76 16.63 -4.15 -1.67
N VAL A 77 16.04 -3.28 -0.84
CA VAL A 77 15.12 -2.29 -1.35
C VAL A 77 15.78 -1.46 -2.41
N LYS A 78 17.03 -1.06 -2.17
CA LYS A 78 17.74 -0.22 -3.13
C LYS A 78 17.90 -0.96 -4.46
N ALA A 79 18.20 -2.26 -4.39
CA ALA A 79 18.38 -3.06 -5.60
C ALA A 79 17.04 -3.38 -6.26
N ALA A 80 15.97 -3.55 -5.48
CA ALA A 80 14.66 -3.71 -6.09
C ALA A 80 14.26 -2.45 -6.84
N CYS A 81 14.48 -1.27 -6.26
CA CYS A 81 14.05 -0.04 -6.92
C CYS A 81 14.81 0.18 -8.20
N GLU A 82 16.10 -0.15 -8.20
CA GLU A 82 16.91 0.07 -9.39
C GLU A 82 16.47 -0.84 -10.52
N TRP A 83 16.30 -2.14 -10.22
CA TRP A 83 15.84 -3.09 -11.22
C TRP A 83 14.50 -2.73 -11.82
N ALA A 84 13.58 -2.16 -11.02
CA ALA A 84 12.20 -1.88 -11.42
C ALA A 84 12.06 -0.46 -11.92
N GLY A 85 13.00 0.40 -11.57
CA GLY A 85 12.96 1.74 -12.09
C GLY A 85 12.18 2.64 -11.19
N ILE A 86 12.30 2.36 -9.90
CA ILE A 86 11.58 3.11 -8.90
C ILE A 86 12.49 4.17 -8.31
N LYS A 87 11.99 5.41 -8.27
CA LYS A 87 12.60 6.50 -7.53
C LYS A 87 12.03 6.54 -6.12
N GLN A 88 12.86 6.20 -5.13
CA GLN A 88 12.57 6.46 -3.74
C GLN A 88 12.85 7.90 -3.32
N GLU A 89 11.85 8.57 -2.74
CA GLU A 89 12.03 9.93 -2.27
C GLU A 89 11.55 10.08 -0.83
N PHE A 90 12.22 10.96 -0.10
CA PHE A 90 11.92 11.18 1.29
C PHE A 90 10.96 12.34 1.37
N GLY A 91 9.96 12.22 2.26
CA GLY A 91 8.89 13.20 2.34
C GLY A 91 7.62 12.87 1.58
N ASN A 106 -5.68 6.32 4.22
CA ASN A 106 -5.36 6.74 5.58
C ASN A 106 -5.90 5.67 6.52
N LYS A 107 -6.17 6.00 7.78
CA LYS A 107 -6.42 4.95 8.76
C LYS A 107 -7.91 4.73 9.06
N GLU A 108 -8.77 4.99 8.07
CA GLU A 108 -10.05 4.28 7.98
C GLU A 108 -9.80 2.77 7.98
N LEU A 109 -8.68 2.38 7.41
CA LEU A 109 -8.25 0.99 7.38
C LEU A 109 -8.43 0.25 8.69
N LYS A 110 -7.97 0.83 9.79
CA LYS A 110 -8.00 0.10 11.05
C LYS A 110 -9.42 -0.06 11.58
N LYS A 111 -10.26 0.95 11.33
CA LYS A 111 -11.67 0.84 11.66
C LYS A 111 -12.28 -0.41 11.03
N ILE A 112 -12.05 -0.61 9.73
CA ILE A 112 -12.64 -1.75 9.02
C ILE A 112 -12.00 -3.07 9.46
N ILE A 113 -10.69 -3.08 9.77
CA ILE A 113 -10.11 -4.33 10.22
C ILE A 113 -10.79 -4.79 11.50
N GLY A 114 -11.17 -3.83 12.36
CA GLY A 114 -11.82 -4.20 13.60
C GLY A 114 -13.21 -4.73 13.41
N GLN A 115 -13.84 -4.37 12.29
CA GLN A 115 -15.19 -4.85 11.99
C GLN A 115 -15.21 -6.31 11.56
N VAL A 116 -14.18 -6.75 10.81
CA VAL A 116 -14.14 -8.08 10.24
C VAL A 116 -13.25 -9.03 11.03
N ARG A 117 -12.55 -8.54 12.06
CA ARG A 117 -11.39 -9.25 12.58
C ARG A 117 -11.71 -10.66 13.05
N ASP A 118 -12.93 -10.91 13.48
CA ASP A 118 -13.29 -12.20 14.03
C ASP A 118 -14.08 -13.06 13.04
N GLN A 119 -14.47 -12.52 11.89
CA GLN A 119 -15.03 -13.36 10.84
C GLN A 119 -13.94 -13.96 9.95
N ALA A 120 -12.71 -14.03 10.44
CA ALA A 120 -11.64 -14.83 9.87
C ALA A 120 -10.54 -14.88 10.90
N GLU A 121 -9.76 -15.96 10.86
CA GLU A 121 -8.77 -16.19 11.90
C GLU A 121 -7.58 -15.23 11.74
N HIS A 122 -6.89 -15.30 10.59
CA HIS A 122 -5.62 -14.57 10.44
C HIS A 122 -5.83 -13.09 10.23
N LEU A 123 -5.00 -12.28 10.89
CA LEU A 123 -5.06 -10.83 10.70
C LEU A 123 -4.91 -10.47 9.22
N LYS A 124 -4.00 -11.14 8.53
CA LYS A 124 -3.74 -10.82 7.14
C LYS A 124 -5.02 -10.79 6.31
N THR A 125 -5.92 -11.72 6.57
CA THR A 125 -7.17 -11.81 5.84
C THR A 125 -8.05 -10.60 6.11
N ALA A 126 -8.21 -10.24 7.37
CA ALA A 126 -8.97 -9.05 7.71
C ALA A 126 -8.36 -7.80 7.07
N VAL A 127 -7.02 -7.68 7.07
CA VAL A 127 -6.38 -6.58 6.36
C VAL A 127 -6.82 -6.53 4.91
N GLN A 128 -6.72 -7.67 4.21
CA GLN A 128 -7.11 -7.72 2.81
C GLN A 128 -8.60 -7.55 2.59
N MET A 129 -9.44 -7.95 3.55
CA MET A 129 -10.86 -7.62 3.46
C MET A 129 -11.04 -6.11 3.57
N ALA A 130 -10.29 -5.47 4.48
CA ALA A 130 -10.39 -4.03 4.65
C ALA A 130 -9.82 -3.28 3.45
N VAL A 131 -8.79 -3.83 2.79
CA VAL A 131 -8.29 -3.22 1.58
C VAL A 131 -9.34 -3.31 0.50
N PHE A 132 -9.93 -4.50 0.33
CA PHE A 132 -11.04 -4.71 -0.61
C PHE A 132 -12.10 -3.61 -0.44
N ILE A 133 -12.52 -3.37 0.80
CA ILE A 133 -13.62 -2.45 1.04
C ILE A 133 -13.18 -1.03 0.78
N HIS A 134 -11.99 -0.65 1.24
CA HIS A 134 -11.50 0.69 0.98
C HIS A 134 -11.44 1.00 -0.51
N ASN A 135 -10.95 0.04 -1.30
CA ASN A 135 -10.76 0.26 -2.73
C ASN A 135 -12.04 0.24 -3.54
N LYS A 136 -13.05 -0.50 -3.08
CA LYS A 136 -14.23 -0.77 -3.88
C LYS A 136 -15.37 0.16 -3.59
N LYS A 137 -15.47 0.64 -2.34
CA LYS A 137 -16.55 1.52 -1.91
C LYS A 137 -16.56 2.78 -2.76
N ARG A 138 -17.64 3.55 -2.65
CA ARG A 138 -17.63 4.85 -3.33
C ARG A 138 -17.09 5.89 -2.35
N LYS A 139 -16.15 6.69 -2.87
CA LYS A 139 -15.31 7.55 -2.07
C LYS A 139 -16.20 8.49 -1.25
N GLY A 140 -16.48 8.10 0.00
CA GLY A 140 -17.33 8.85 0.90
C GLY A 140 -18.70 8.27 1.12
N GLY A 141 -19.12 7.31 0.29
CA GLY A 141 -20.50 6.83 0.33
C GLY A 141 -21.34 7.55 -0.70
N ILE A 142 -22.22 6.81 -1.37
CA ILE A 142 -23.13 7.30 -2.42
C ILE A 142 -22.46 8.21 -3.45
N GLY A 143 -22.38 7.72 -4.68
CA GLY A 143 -22.06 8.59 -5.80
C GLY A 143 -20.60 8.91 -5.90
N GLY A 144 -20.09 8.83 -7.12
CA GLY A 144 -18.70 9.07 -7.40
C GLY A 144 -18.05 7.85 -8.00
N TYR A 145 -16.76 7.73 -7.78
CA TYR A 145 -16.01 6.56 -8.19
C TYR A 145 -15.34 5.99 -6.97
N SER A 146 -14.88 4.77 -7.13
CA SER A 146 -14.09 4.17 -6.06
C SER A 146 -12.61 4.51 -6.25
N ALA A 147 -11.85 4.30 -5.18
CA ALA A 147 -10.39 4.33 -5.32
C ALA A 147 -9.94 3.48 -6.50
N GLY A 148 -10.55 2.31 -6.67
CA GLY A 148 -10.14 1.38 -7.68
C GLY A 148 -10.53 1.77 -9.10
N GLU A 149 -11.70 2.38 -9.24
CA GLU A 149 -12.05 3.03 -10.50
C GLU A 149 -11.11 4.21 -10.77
N ARG A 150 -10.87 5.05 -9.77
CA ARG A 150 -10.04 6.22 -9.99
C ARG A 150 -8.67 5.83 -10.53
N ILE A 151 -8.02 4.84 -9.93
CA ILE A 151 -6.66 4.54 -10.35
C ILE A 151 -6.63 4.08 -11.80
N VAL A 152 -7.63 3.31 -12.24
CA VAL A 152 -7.60 2.78 -13.61
C VAL A 152 -7.77 3.92 -14.63
N ASP A 153 -8.73 4.80 -14.37
CA ASP A 153 -8.97 6.02 -15.16
C ASP A 153 -7.70 6.84 -15.36
N ILE A 154 -7.10 7.28 -14.25
CA ILE A 154 -5.84 8.03 -14.34
C ILE A 154 -4.85 7.33 -15.26
N ILE A 155 -4.62 6.02 -15.01
CA ILE A 155 -3.62 5.31 -15.79
C ILE A 155 -4.06 5.13 -17.23
N ALA A 156 -5.37 4.99 -17.48
CA ALA A 156 -5.83 4.87 -18.87
C ALA A 156 -5.32 6.05 -19.67
N THR A 157 -5.66 7.24 -19.20
CA THR A 157 -4.96 8.43 -19.63
C THR A 157 -3.45 8.42 -19.35
S SO4 B . 19.09 -5.46 3.70
O1 SO4 B . 18.74 -4.97 2.38
O2 SO4 B . 20.51 -5.13 3.94
O3 SO4 B . 18.80 -6.89 3.81
O4 SO4 B . 18.25 -4.79 4.69
S SO4 C . 1.13 2.95 13.95
O1 SO4 C . 1.32 4.20 14.67
O2 SO4 C . 2.45 2.41 13.61
O3 SO4 C . 0.45 1.96 14.78
O4 SO4 C . 0.30 3.21 12.79
S SO4 D . 10.85 -12.12 1.34
O1 SO4 D . 11.50 -10.83 1.20
O2 SO4 D . 11.56 -12.88 2.37
O3 SO4 D . 9.43 -11.90 1.68
O4 SO4 D . 10.93 -12.78 0.03
I IOD E . 3.46 12.79 -2.33
I IOD F . 1.35 -3.47 17.75
I IOD G . -1.23 -12.85 9.98
I IOD H . 17.40 5.19 -2.18
C10 R7J I . 13.89 -7.69 -4.95
C13 R7J I . 14.54 -9.63 -2.99
C15 R7J I . 17.63 -8.11 -5.70
C17 R7J I . 18.34 -7.35 -7.88
C20 R7J I . 15.95 -7.50 -7.22
C02 R7J I . 16.06 -12.50 -2.54
C04 R7J I . 15.66 -11.45 -1.38
C05 R7J I . 14.57 -10.51 -1.84
C06 R7J I . 13.33 -10.41 -1.29
C08 R7J I . 13.28 -9.01 -3.00
C09 R7J I . 12.92 -8.04 -3.98
C11 R7J I . 15.18 -8.28 -4.97
C12 R7J I . 15.41 -9.25 -3.96
C14 R7J I . 16.25 -7.97 -5.97
C16 R7J I . 18.67 -7.82 -6.63
C18 R7J I . 16.97 -7.20 -8.14
F19 R7J I . 16.64 -6.74 -9.37
O01 R7J I . 15.45 -13.59 -2.55
O03 R7J I . 16.90 -12.12 -3.37
O07 R7J I . 12.54 -9.48 -1.95
H101 R7J I . 13.67 -7.05 -5.59
H151 R7J I . 17.90 -8.41 -4.86
H171 R7J I . 18.99 -7.15 -8.51
H201 R7J I . 15.07 -7.37 -7.48
H041 R7J I . 16.47 -10.99 -1.10
H042 R7J I . 15.43 -11.94 -0.58
H061 R7J I . 12.90 -10.83 -0.56
H091 R7J I . 12.08 -7.64 -4.00
H121 R7J I . 16.24 -9.67 -3.95
H161 R7J I . 19.56 -7.92 -6.40
#